data_2CLY
#
_entry.id   2CLY
#
_cell.length_a   50.499
_cell.length_b   79.354
_cell.length_c   115.665
_cell.angle_alpha   90.00
_cell.angle_beta   93.08
_cell.angle_gamma   90.00
#
_symmetry.space_group_name_H-M   'P 1 21 1'
#
loop_
_entity.id
_entity.type
_entity.pdbx_description
1 polymer 'ATP SYNTHASE B CHAIN, MITOCHONDRIAL'
2 polymer 'ATP SYNTHASE D CHAIN, MITOCHONDRIAL'
3 polymer 'ATP SYNTHASE COUPLING FACTOR 6, MITOCHONDRIAL'
4 water water
#
loop_
_entity_poly.entity_id
_entity_poly.type
_entity_poly.pdbx_seq_one_letter_code
_entity_poly.pdbx_strand_id
1 'polypeptide(L)'
;PVPPLPEHGGKVRFGLIPEEFFQFLYPKTGVTGPYVLGTGLILYLLSKEIYVITPETFSAISTIGFLVYIVKKYGASVGE
FADKLNEQKIAQLEEVKQASIKQIQDAIDMEKSQQALVQKRHYLFDVQRNNIAMALEVTYRERLHRVYREVKNRLDYHIS
VQNMMRQKEQEHMINWVEKRVVQSISAQQEKETIAKCIADLKLLSKKAQAQPVM
;
A,D
2 'polypeptide(L)'
;AGRKLALKTIDWVAFGEIIPRNQKAVANSLKSWNETLTSRLATLPEKPPAIDWAYYKANVAKAGLVDDFEKKFNALKVPI
PEDKYTAQVDAEEKEDVKSCAEFLTQSKTRIQEYEKELEKMRNIIPFDQMTIEDLNEVFPETKLDKKKYPYWPHRPIETL
;
B,E
3 'polypeptide(L)' FNKELDPVQKLFVDKIREYRTKRQTSGGPVDAGPEYQQDLDRELFKLKQMYGKADMNTFPNFTFEDPKFEVVEKPQS C,F
#
# COMPACT_ATOMS: atom_id res chain seq x y z
N GLY A 79 71.78 46.64 -34.91
CA GLY A 79 70.59 46.47 -35.82
C GLY A 79 69.78 45.26 -35.39
N GLU A 80 70.47 44.13 -35.23
CA GLU A 80 69.87 42.87 -34.78
C GLU A 80 69.23 42.99 -33.38
N PHE A 81 69.95 43.65 -32.45
CA PHE A 81 69.43 44.10 -31.16
C PHE A 81 67.91 44.25 -31.14
N ALA A 82 67.37 44.88 -32.19
CA ALA A 82 65.96 45.16 -32.30
C ALA A 82 65.24 43.90 -32.74
N ASP A 83 65.61 43.38 -33.91
CA ASP A 83 64.91 42.23 -34.49
C ASP A 83 64.68 41.09 -33.52
N LYS A 84 65.73 40.64 -32.82
CA LYS A 84 65.54 39.57 -31.84
C LYS A 84 64.56 40.01 -30.76
N LEU A 85 64.79 41.21 -30.21
CA LEU A 85 63.95 41.75 -29.14
C LEU A 85 62.52 41.92 -29.63
N ASN A 86 62.37 42.58 -30.75
CA ASN A 86 61.07 42.78 -31.35
C ASN A 86 60.37 41.44 -31.56
N GLU A 87 61.00 40.53 -32.30
CA GLU A 87 60.42 39.21 -32.55
C GLU A 87 60.11 38.50 -31.24
N GLN A 88 60.98 38.70 -30.26
CA GLN A 88 60.70 38.31 -28.88
C GLN A 88 59.40 38.98 -28.38
N LYS A 89 59.36 40.31 -28.40
CA LYS A 89 58.21 41.08 -27.93
C LYS A 89 56.88 40.69 -28.58
N ILE A 90 56.89 40.42 -29.89
CA ILE A 90 55.69 39.95 -30.59
C ILE A 90 55.32 38.58 -30.10
N ALA A 91 56.27 37.65 -30.21
CA ALA A 91 56.13 36.28 -29.74
C ALA A 91 55.35 36.28 -28.42
N GLN A 92 55.79 37.10 -27.47
CA GLN A 92 55.10 37.29 -26.19
C GLN A 92 53.61 37.52 -26.36
N LEU A 93 53.25 38.67 -26.93
CA LEU A 93 51.84 39.05 -27.04
C LEU A 93 51.05 38.05 -27.89
N GLU A 94 51.78 37.30 -28.71
CA GLU A 94 51.22 36.20 -29.46
C GLU A 94 50.83 35.06 -28.50
N GLU A 95 51.67 34.76 -27.51
CA GLU A 95 51.31 33.80 -26.47
C GLU A 95 50.26 34.43 -25.54
N VAL A 96 50.37 35.73 -25.32
CA VAL A 96 49.41 36.45 -24.49
C VAL A 96 48.00 36.39 -25.09
N LYS A 97 47.81 36.89 -26.32
CA LYS A 97 46.51 36.72 -26.96
C LYS A 97 46.06 35.26 -26.86
N GLN A 98 46.98 34.32 -27.14
CA GLN A 98 46.65 32.89 -27.13
C GLN A 98 46.10 32.43 -25.80
N ALA A 99 46.90 32.58 -24.73
CA ALA A 99 46.46 32.24 -23.40
C ALA A 99 45.05 32.82 -23.26
N SER A 100 44.97 34.12 -23.49
CA SER A 100 43.78 34.88 -23.23
C SER A 100 42.56 34.28 -23.88
N ILE A 101 42.64 33.93 -25.17
CA ILE A 101 41.55 33.17 -25.80
C ILE A 101 41.29 31.86 -25.04
N LYS A 102 42.34 31.08 -24.83
CA LYS A 102 42.19 29.77 -24.27
C LYS A 102 41.54 29.84 -22.89
N GLN A 103 41.93 30.81 -22.07
CA GLN A 103 41.33 30.97 -20.72
C GLN A 103 39.88 31.40 -20.78
N ILE A 104 39.56 32.40 -21.58
CA ILE A 104 38.19 32.83 -21.65
C ILE A 104 37.32 31.71 -22.26
N GLN A 105 37.92 30.85 -23.08
CA GLN A 105 37.16 29.72 -23.63
C GLN A 105 36.87 28.82 -22.49
N ASP A 106 37.72 28.87 -21.47
CA ASP A 106 37.54 27.96 -20.37
C ASP A 106 36.60 28.55 -19.35
N ALA A 107 36.63 29.85 -19.14
CA ALA A 107 35.61 30.45 -18.32
C ALA A 107 34.31 29.96 -18.97
N ILE A 108 34.32 29.88 -20.30
CA ILE A 108 33.12 29.56 -21.04
C ILE A 108 32.68 28.13 -20.75
N ASP A 109 33.61 27.19 -20.77
CA ASP A 109 33.24 25.79 -20.64
C ASP A 109 32.65 25.55 -19.27
N MET A 110 33.37 26.00 -18.28
CA MET A 110 32.96 25.94 -16.91
C MET A 110 31.50 26.38 -16.83
N GLU A 111 31.19 27.51 -17.44
CA GLU A 111 29.81 28.04 -17.35
C GLU A 111 28.77 27.13 -17.98
N LYS A 112 29.12 26.51 -19.10
CA LYS A 112 28.26 25.50 -19.68
C LYS A 112 28.15 24.30 -18.73
N SER A 113 29.28 23.79 -18.24
CA SER A 113 29.24 22.70 -17.28
C SER A 113 28.16 23.04 -16.24
N GLN A 114 28.37 24.11 -15.47
CA GLN A 114 27.34 24.60 -14.52
C GLN A 114 25.89 24.57 -15.04
N GLN A 115 25.60 25.40 -16.03
CA GLN A 115 24.25 25.57 -16.55
C GLN A 115 23.57 24.22 -16.69
N ALA A 116 24.41 23.23 -16.97
CA ALA A 116 23.96 21.91 -17.26
C ALA A 116 23.59 21.24 -15.97
N LEU A 117 24.57 20.95 -15.14
CA LEU A 117 24.27 20.47 -13.78
C LEU A 117 23.05 21.14 -13.18
N VAL A 118 22.84 22.44 -13.45
CA VAL A 118 21.64 23.15 -13.00
C VAL A 118 20.48 22.45 -13.70
N GLN A 119 19.44 23.16 -14.12
CA GLN A 119 18.30 22.45 -14.73
C GLN A 119 18.73 20.98 -14.97
N LYS A 120 19.31 20.71 -16.14
CA LYS A 120 19.78 19.38 -16.52
C LYS A 120 19.46 18.29 -15.51
N ARG A 121 20.32 18.16 -14.51
CA ARG A 121 20.26 17.03 -13.61
C ARG A 121 18.90 16.63 -13.02
N HIS A 122 18.06 17.61 -12.66
CA HIS A 122 16.78 17.26 -12.04
C HIS A 122 15.96 16.29 -12.92
N TYR A 123 15.98 16.53 -14.24
CA TYR A 123 15.20 15.74 -15.17
C TYR A 123 15.29 14.26 -14.95
N LEU A 124 16.49 13.78 -14.62
CA LEU A 124 16.67 12.37 -14.37
C LEU A 124 15.64 11.93 -13.33
N PHE A 125 15.64 12.62 -12.21
CA PHE A 125 14.71 12.31 -11.12
C PHE A 125 13.26 12.59 -11.49
N ASP A 126 13.04 13.64 -12.25
CA ASP A 126 11.72 13.87 -12.77
C ASP A 126 11.21 12.72 -13.65
N VAL A 127 12.01 12.23 -14.57
CA VAL A 127 11.63 11.05 -15.33
C VAL A 127 11.18 9.95 -14.35
N GLN A 128 12.03 9.70 -13.35
CA GLN A 128 11.71 8.68 -12.36
C GLN A 128 10.40 8.95 -11.66
N ARG A 129 10.24 10.13 -11.08
CA ARG A 129 8.95 10.42 -10.42
C ARG A 129 7.75 10.27 -11.36
N ASN A 130 7.89 10.78 -12.58
CA ASN A 130 6.83 10.65 -13.57
C ASN A 130 6.49 9.18 -13.76
N ASN A 131 7.50 8.39 -14.08
CA ASN A 131 7.31 6.96 -14.22
C ASN A 131 6.42 6.41 -13.07
N ILE A 132 6.83 6.57 -11.81
CA ILE A 132 5.98 6.16 -10.67
C ILE A 132 4.52 6.58 -10.86
N ALA A 133 4.29 7.89 -10.99
CA ALA A 133 2.93 8.45 -11.07
C ALA A 133 2.06 7.68 -12.03
N MET A 134 2.60 7.43 -13.22
CA MET A 134 1.92 6.74 -14.28
C MET A 134 1.62 5.33 -13.79
N ALA A 135 2.66 4.67 -13.26
CA ALA A 135 2.56 3.25 -12.94
C ALA A 135 1.46 3.00 -11.91
N LEU A 136 1.25 3.96 -11.03
CA LEU A 136 0.17 3.86 -10.07
C LEU A 136 -1.16 4.07 -10.76
N GLU A 137 -1.22 5.04 -11.67
CA GLU A 137 -2.46 5.29 -12.42
C GLU A 137 -2.87 4.05 -13.20
N VAL A 138 -1.98 3.55 -14.05
CA VAL A 138 -2.26 2.30 -14.75
C VAL A 138 -2.79 1.25 -13.76
N THR A 139 -2.09 1.10 -12.64
CA THR A 139 -2.50 0.14 -11.67
C THR A 139 -3.92 0.43 -11.20
N TYR A 140 -4.18 1.66 -10.77
CA TYR A 140 -5.52 2.00 -10.33
C TYR A 140 -6.56 1.61 -11.38
N ARG A 141 -6.33 2.05 -12.62
CA ARG A 141 -7.23 1.76 -13.71
C ARG A 141 -7.40 0.27 -13.90
N GLU A 142 -6.29 -0.45 -14.01
CA GLU A 142 -6.34 -1.91 -14.13
C GLU A 142 -7.18 -2.58 -13.04
N ARG A 143 -7.12 -2.03 -11.84
CA ARG A 143 -7.86 -2.61 -10.75
C ARG A 143 -9.33 -2.45 -11.09
N LEU A 144 -9.72 -1.21 -11.42
CA LEU A 144 -11.08 -0.93 -11.87
C LEU A 144 -11.56 -1.86 -12.97
N HIS A 145 -10.74 -2.00 -14.02
CA HIS A 145 -11.10 -2.89 -15.10
C HIS A 145 -11.28 -4.30 -14.59
N ARG A 146 -10.39 -4.73 -13.71
CA ARG A 146 -10.52 -6.09 -13.19
C ARG A 146 -11.87 -6.30 -12.48
N VAL A 147 -12.29 -5.37 -11.63
CA VAL A 147 -13.56 -5.53 -10.93
C VAL A 147 -14.66 -5.69 -11.96
N TYR A 148 -14.65 -4.86 -12.99
CA TYR A 148 -15.66 -4.93 -14.03
C TYR A 148 -15.66 -6.35 -14.68
N ARG A 149 -14.57 -6.70 -15.34
CA ARG A 149 -14.45 -7.98 -16.01
C ARG A 149 -14.99 -9.09 -15.13
N GLU A 150 -14.62 -9.09 -13.85
CA GLU A 150 -14.92 -10.24 -12.99
C GLU A 150 -16.39 -10.32 -12.65
N VAL A 151 -16.96 -9.21 -12.23
CA VAL A 151 -18.40 -9.15 -12.02
C VAL A 151 -19.16 -9.53 -13.31
N LYS A 152 -18.93 -8.77 -14.38
CA LYS A 152 -19.61 -9.04 -15.65
C LYS A 152 -19.47 -10.52 -16.02
N ASN A 153 -18.26 -11.03 -15.87
CA ASN A 153 -17.98 -12.42 -16.07
C ASN A 153 -18.91 -13.33 -15.26
N ARG A 154 -19.16 -12.96 -14.00
CA ARG A 154 -20.07 -13.76 -13.13
C ARG A 154 -21.51 -13.68 -13.62
N LEU A 155 -21.92 -12.47 -13.97
CA LEU A 155 -23.20 -12.24 -14.64
C LEU A 155 -23.37 -13.04 -15.95
N ASP A 156 -22.51 -12.81 -16.92
CA ASP A 156 -22.57 -13.55 -18.18
C ASP A 156 -22.63 -15.08 -18.02
N TYR A 157 -22.13 -15.57 -16.91
CA TYR A 157 -22.12 -16.98 -16.67
C TYR A 157 -23.55 -17.46 -16.60
N HIS A 158 -24.34 -16.76 -15.80
CA HIS A 158 -25.75 -17.10 -15.64
C HIS A 158 -26.48 -17.14 -16.96
N ILE A 159 -26.25 -16.13 -17.80
CA ILE A 159 -26.85 -16.16 -19.14
C ILE A 159 -26.42 -17.34 -20.00
N SER A 160 -25.10 -17.54 -20.12
CA SER A 160 -24.57 -18.66 -20.90
C SER A 160 -25.18 -19.97 -20.41
N VAL A 161 -25.16 -20.20 -19.09
CA VAL A 161 -25.87 -21.35 -18.49
C VAL A 161 -27.34 -21.40 -18.92
N GLN A 162 -28.11 -20.40 -18.49
CA GLN A 162 -29.51 -20.32 -18.89
C GLN A 162 -29.67 -20.72 -20.37
N ASN A 163 -28.92 -20.07 -21.26
CA ASN A 163 -28.95 -20.37 -22.70
C ASN A 163 -28.71 -21.84 -23.05
N MET A 164 -27.74 -22.45 -22.39
CA MET A 164 -27.42 -23.88 -22.58
C MET A 164 -28.57 -24.78 -22.17
N MET A 165 -29.20 -24.43 -21.05
CA MET A 165 -30.31 -25.21 -20.56
C MET A 165 -31.40 -25.18 -21.61
N ARG A 166 -31.73 -23.99 -22.08
CA ARG A 166 -32.83 -23.84 -22.99
C ARG A 166 -32.56 -24.72 -24.18
N GLN A 167 -31.44 -24.49 -24.84
CA GLN A 167 -31.07 -25.27 -26.00
C GLN A 167 -31.29 -26.76 -25.73
N LYS A 168 -30.70 -27.26 -24.64
CA LYS A 168 -30.77 -28.69 -24.36
C LYS A 168 -32.22 -29.14 -24.19
N GLU A 169 -32.97 -28.42 -23.36
CA GLU A 169 -34.42 -28.63 -23.25
C GLU A 169 -35.12 -28.60 -24.61
N GLN A 170 -34.86 -27.56 -25.39
CA GLN A 170 -35.45 -27.48 -26.71
C GLN A 170 -35.05 -28.71 -27.52
N GLU A 171 -33.75 -28.94 -27.66
CA GLU A 171 -33.23 -30.07 -28.45
C GLU A 171 -34.03 -31.30 -28.10
N HIS A 172 -34.21 -31.50 -26.81
CA HIS A 172 -34.89 -32.68 -26.30
C HIS A 172 -36.35 -32.73 -26.76
N MET A 173 -37.03 -31.59 -26.67
CA MET A 173 -38.40 -31.54 -27.13
C MET A 173 -38.61 -31.97 -28.60
N ILE A 174 -37.75 -31.53 -29.50
CA ILE A 174 -37.93 -31.90 -30.90
C ILE A 174 -37.80 -33.40 -31.08
N ASN A 175 -36.84 -34.01 -30.37
CA ASN A 175 -36.68 -35.47 -30.42
C ASN A 175 -37.90 -36.16 -29.85
N TRP A 176 -38.44 -35.60 -28.77
CA TRP A 176 -39.68 -36.12 -28.21
C TRP A 176 -40.80 -36.05 -29.25
N VAL A 177 -40.86 -34.95 -29.99
CA VAL A 177 -41.90 -34.78 -30.99
C VAL A 177 -41.78 -35.80 -32.11
N GLU A 178 -40.66 -35.82 -32.84
CA GLU A 178 -40.56 -36.73 -33.98
C GLU A 178 -40.78 -38.16 -33.57
N LYS A 179 -40.06 -38.63 -32.56
CA LYS A 179 -40.22 -39.97 -32.03
C LYS A 179 -41.68 -40.33 -31.83
N ARG A 180 -42.50 -39.32 -31.60
CA ARG A 180 -43.92 -39.48 -31.31
C ARG A 180 -44.79 -39.33 -32.57
N VAL A 181 -44.45 -38.36 -33.42
CA VAL A 181 -45.23 -38.15 -34.64
C VAL A 181 -44.92 -39.23 -35.66
N VAL A 182 -43.65 -39.63 -35.75
CA VAL A 182 -43.24 -40.73 -36.64
C VAL A 182 -43.72 -42.09 -36.10
N GLN A 183 -44.47 -42.06 -35.00
CA GLN A 183 -45.12 -43.24 -34.43
C GLN A 183 -46.48 -43.51 -35.08
N LYS B 4 -7.02 13.70 -12.27
CA LYS B 4 -5.98 14.38 -13.10
C LYS B 4 -4.59 14.37 -12.45
N LEU B 5 -3.57 14.10 -13.27
CA LEU B 5 -2.19 13.94 -12.80
C LEU B 5 -1.33 15.16 -13.03
N ALA B 6 -0.39 15.38 -12.12
CA ALA B 6 0.69 16.32 -12.36
C ALA B 6 1.79 15.48 -12.94
N LEU B 7 2.56 16.04 -13.87
CA LEU B 7 3.67 15.32 -14.49
C LEU B 7 4.82 16.22 -14.94
N LYS B 8 5.69 16.57 -14.00
CA LYS B 8 6.88 17.36 -14.29
C LYS B 8 7.33 17.16 -15.73
N THR B 9 7.17 18.23 -16.53
CA THR B 9 7.55 18.30 -17.95
C THR B 9 9.03 18.04 -18.14
N ILE B 10 9.42 17.56 -19.33
CA ILE B 10 10.71 16.94 -19.48
C ILE B 10 11.27 17.11 -20.87
N ASP B 11 12.43 17.74 -20.99
CA ASP B 11 13.03 17.82 -22.32
C ASP B 11 14.10 16.77 -22.44
N TRP B 12 13.85 15.88 -23.39
CA TRP B 12 14.58 14.66 -23.50
C TRP B 12 16.04 14.78 -23.92
N VAL B 13 16.39 15.84 -24.67
CA VAL B 13 17.75 15.95 -25.17
C VAL B 13 18.67 16.35 -24.04
N ALA B 14 18.12 17.10 -23.10
CA ALA B 14 18.84 17.37 -21.86
C ALA B 14 19.08 16.08 -21.10
N PHE B 15 18.04 15.24 -21.00
CA PHE B 15 18.12 13.99 -20.26
C PHE B 15 19.22 13.13 -20.86
N GLY B 16 19.23 13.05 -22.18
CA GLY B 16 20.34 12.44 -22.89
C GLY B 16 21.67 12.99 -22.43
N GLU B 17 21.75 14.31 -22.23
CA GLU B 17 23.06 14.93 -21.99
C GLU B 17 23.55 14.91 -20.54
N ILE B 18 22.84 14.23 -19.64
CA ILE B 18 23.25 14.22 -18.21
C ILE B 18 23.61 12.86 -17.62
N ILE B 19 23.55 11.83 -18.45
CA ILE B 19 23.87 10.48 -18.04
C ILE B 19 25.32 10.15 -18.40
N PRO B 20 26.14 9.87 -17.39
CA PRO B 20 27.39 9.16 -17.63
C PRO B 20 27.19 7.94 -18.53
N ARG B 21 28.25 7.57 -19.27
CA ARG B 21 28.16 6.45 -20.23
C ARG B 21 27.90 5.12 -19.53
N ASN B 22 28.59 4.89 -18.43
CA ASN B 22 28.44 3.68 -17.62
C ASN B 22 27.05 3.56 -17.01
N GLN B 23 26.14 4.43 -17.44
CA GLN B 23 24.80 4.53 -16.87
C GLN B 23 23.76 4.73 -17.97
N LYS B 24 24.24 4.83 -19.20
CA LYS B 24 23.38 4.96 -20.38
C LYS B 24 22.32 3.85 -20.41
N ALA B 25 22.75 2.63 -20.04
CA ALA B 25 21.84 1.48 -19.94
C ALA B 25 20.59 1.86 -19.18
N VAL B 26 20.78 2.12 -17.89
CA VAL B 26 19.70 2.57 -17.02
C VAL B 26 18.85 3.59 -17.78
N ALA B 27 19.48 4.71 -18.17
CA ALA B 27 18.75 5.83 -18.77
C ALA B 27 17.87 5.34 -19.90
N ASN B 28 18.42 4.49 -20.76
CA ASN B 28 17.63 3.91 -21.85
C ASN B 28 16.35 3.29 -21.27
N SER B 29 16.51 2.31 -20.37
CA SER B 29 15.36 1.59 -19.85
C SER B 29 14.33 2.56 -19.22
N LEU B 30 14.85 3.59 -18.59
CA LEU B 30 14.03 4.61 -17.97
C LEU B 30 13.17 5.33 -19.03
N LYS B 31 13.77 5.64 -20.18
CA LYS B 31 13.08 6.26 -21.32
C LYS B 31 11.96 5.39 -21.88
N SER B 32 12.29 4.14 -22.16
CA SER B 32 11.33 3.24 -22.78
C SER B 32 10.16 2.96 -21.86
N TRP B 33 10.45 2.77 -20.57
CA TRP B 33 9.38 2.55 -19.60
C TRP B 33 8.42 3.73 -19.69
N ASN B 34 8.97 4.93 -19.63
CA ASN B 34 8.16 6.12 -19.79
C ASN B 34 7.26 6.06 -21.02
N GLU B 35 7.87 5.77 -22.17
CA GLU B 35 7.14 5.68 -23.43
C GLU B 35 6.09 4.60 -23.38
N THR B 36 6.50 3.38 -23.01
CA THR B 36 5.58 2.29 -22.71
C THR B 36 4.43 2.79 -21.89
N LEU B 37 4.77 3.25 -20.69
CA LEU B 37 3.78 3.70 -19.73
C LEU B 37 2.83 4.71 -20.35
N THR B 38 3.39 5.68 -21.07
CA THR B 38 2.58 6.66 -21.73
C THR B 38 1.62 6.02 -22.71
N SER B 39 2.14 5.17 -23.60
CA SER B 39 1.28 4.54 -24.62
C SER B 39 0.15 3.90 -23.86
N ARG B 40 0.53 3.24 -22.78
CA ARG B 40 -0.41 2.48 -22.02
C ARG B 40 -1.61 3.36 -21.64
N LEU B 41 -1.35 4.45 -20.93
CA LEU B 41 -2.43 5.31 -20.46
C LEU B 41 -3.29 5.89 -21.57
N ALA B 42 -2.73 6.01 -22.77
CA ALA B 42 -3.48 6.50 -23.91
C ALA B 42 -4.60 5.53 -24.26
N THR B 43 -4.41 4.25 -23.93
CA THR B 43 -5.35 3.22 -24.32
C THR B 43 -6.19 2.72 -23.15
N LEU B 44 -5.65 2.80 -21.93
CA LEU B 44 -6.37 2.34 -20.76
C LEU B 44 -7.26 3.43 -20.18
N PRO B 45 -8.57 3.32 -20.41
CA PRO B 45 -9.54 4.35 -19.99
C PRO B 45 -9.67 4.52 -18.47
N GLU B 46 -9.82 5.77 -18.02
CA GLU B 46 -10.05 6.12 -16.62
C GLU B 46 -10.86 5.08 -15.87
N LYS B 47 -12.08 4.87 -16.34
CA LYS B 47 -13.01 3.94 -15.75
C LYS B 47 -13.38 2.89 -16.80
N PRO B 48 -13.90 1.72 -16.37
CA PRO B 48 -14.38 0.76 -17.35
C PRO B 48 -15.77 1.16 -17.83
N PRO B 49 -16.23 0.61 -18.98
CA PRO B 49 -17.65 0.67 -19.32
C PRO B 49 -18.53 0.41 -18.10
N ALA B 50 -19.70 1.05 -18.09
CA ALA B 50 -20.70 0.78 -17.06
C ALA B 50 -21.22 -0.63 -17.27
N ILE B 51 -22.28 -0.97 -16.56
CA ILE B 51 -22.82 -2.29 -16.65
C ILE B 51 -24.32 -2.18 -16.72
N ASP B 52 -24.88 -2.60 -17.85
CA ASP B 52 -26.31 -2.51 -18.08
C ASP B 52 -27.02 -3.40 -17.08
N TRP B 53 -27.18 -2.88 -15.87
CA TRP B 53 -27.77 -3.63 -14.76
C TRP B 53 -29.21 -4.03 -15.05
N ALA B 54 -29.99 -3.09 -15.57
CA ALA B 54 -31.37 -3.34 -15.97
C ALA B 54 -31.46 -4.61 -16.82
N TYR B 55 -30.67 -4.65 -17.90
CA TYR B 55 -30.61 -5.80 -18.80
C TYR B 55 -30.39 -7.10 -18.05
N TYR B 56 -29.37 -7.14 -17.20
CA TYR B 56 -29.07 -8.38 -16.50
C TYR B 56 -30.24 -8.70 -15.59
N LYS B 57 -30.69 -7.71 -14.82
CA LYS B 57 -31.89 -7.84 -14.00
C LYS B 57 -33.02 -8.42 -14.85
N ALA B 58 -33.13 -7.93 -16.08
CA ALA B 58 -34.09 -8.41 -17.08
C ALA B 58 -33.92 -9.88 -17.50
N ASN B 59 -32.69 -10.37 -17.51
CA ASN B 59 -32.46 -11.78 -17.83
C ASN B 59 -31.73 -12.51 -16.72
N VAL B 60 -32.41 -12.83 -15.63
CA VAL B 60 -31.72 -13.57 -14.57
C VAL B 60 -32.47 -14.87 -14.18
N ALA B 61 -32.44 -15.24 -12.92
CA ALA B 61 -33.11 -16.45 -12.40
C ALA B 61 -32.95 -16.58 -10.88
N LYS B 62 -31.74 -16.39 -10.35
CA LYS B 62 -31.57 -16.22 -8.92
C LYS B 62 -32.02 -14.81 -8.63
N ALA B 63 -32.81 -14.65 -7.55
CA ALA B 63 -33.57 -13.44 -7.26
C ALA B 63 -32.81 -12.11 -7.32
N GLY B 64 -32.60 -11.48 -6.17
CA GLY B 64 -31.95 -10.18 -6.13
C GLY B 64 -30.44 -10.32 -6.19
N LEU B 65 -29.96 -11.22 -7.05
CA LEU B 65 -28.53 -11.34 -7.29
C LEU B 65 -28.04 -10.03 -7.91
N VAL B 66 -28.63 -9.66 -9.04
CA VAL B 66 -28.32 -8.41 -9.70
C VAL B 66 -28.41 -7.21 -8.74
N ASP B 67 -29.54 -7.06 -8.03
CA ASP B 67 -29.68 -5.98 -7.03
C ASP B 67 -28.53 -6.05 -6.04
N ASP B 68 -28.32 -7.23 -5.48
CA ASP B 68 -27.19 -7.52 -4.62
C ASP B 68 -25.87 -7.01 -5.24
N PHE B 69 -25.64 -7.37 -6.50
CA PHE B 69 -24.40 -7.01 -7.20
C PHE B 69 -24.30 -5.53 -7.51
N GLU B 70 -25.34 -4.94 -8.10
CA GLU B 70 -25.30 -3.51 -8.42
C GLU B 70 -24.97 -2.71 -7.17
N LYS B 71 -25.72 -2.94 -6.10
CA LYS B 71 -25.36 -2.39 -4.81
C LYS B 71 -23.87 -2.65 -4.56
N LYS B 72 -23.53 -3.91 -4.32
CA LYS B 72 -22.15 -4.27 -3.95
C LYS B 72 -21.11 -3.62 -4.85
N PHE B 73 -21.40 -3.53 -6.14
CA PHE B 73 -20.48 -2.96 -7.12
C PHE B 73 -20.20 -1.51 -6.77
N ASN B 74 -21.25 -0.70 -6.84
CA ASN B 74 -21.18 0.67 -6.38
C ASN B 74 -20.86 0.64 -4.88
N ALA B 75 -20.30 1.72 -4.37
CA ALA B 75 -19.93 1.80 -2.96
C ALA B 75 -19.07 0.61 -2.52
N LEU B 76 -18.42 -0.03 -3.48
CA LEU B 76 -17.21 -0.75 -3.18
C LEU B 76 -16.11 0.17 -3.64
N LYS B 77 -15.28 0.59 -2.70
CA LYS B 77 -14.20 1.52 -3.00
C LYS B 77 -12.89 0.74 -3.12
N VAL B 78 -12.44 0.64 -4.37
CA VAL B 78 -11.17 0.03 -4.76
C VAL B 78 -10.00 0.86 -4.21
N PRO B 79 -9.04 0.21 -3.54
CA PRO B 79 -7.92 0.99 -2.98
C PRO B 79 -7.04 1.53 -4.09
N ILE B 80 -6.62 2.78 -3.94
CA ILE B 80 -5.53 3.35 -4.72
C ILE B 80 -4.22 2.89 -4.08
N PRO B 81 -3.31 2.37 -4.92
CA PRO B 81 -2.02 1.86 -4.50
C PRO B 81 -1.20 2.89 -3.72
N GLU B 82 -0.64 2.52 -2.54
CA GLU B 82 0.32 3.39 -1.81
C GLU B 82 1.47 3.73 -2.72
N ASP B 83 1.85 5.02 -2.77
CA ASP B 83 3.12 5.42 -3.39
C ASP B 83 4.19 5.19 -2.36
N LYS B 84 4.63 3.95 -2.23
CA LYS B 84 5.77 3.68 -1.37
C LYS B 84 7.10 3.77 -2.12
N TYR B 85 7.10 4.44 -3.28
CA TYR B 85 8.22 4.37 -4.21
C TYR B 85 9.09 5.64 -4.37
N THR B 86 8.61 6.82 -4.01
CA THR B 86 9.49 8.01 -4.01
C THR B 86 10.64 8.08 -2.93
N ALA B 87 11.59 7.14 -3.08
CA ALA B 87 12.97 7.16 -2.54
C ALA B 87 13.85 7.93 -3.56
N GLN B 88 13.28 8.22 -4.71
CA GLN B 88 14.01 9.05 -5.63
C GLN B 88 14.20 10.43 -5.02
N VAL B 89 13.11 11.08 -4.57
CA VAL B 89 13.27 12.38 -3.90
C VAL B 89 14.60 12.33 -3.14
N ASP B 90 14.80 11.26 -2.37
CA ASP B 90 16.00 11.09 -1.56
C ASP B 90 17.26 10.95 -2.42
N ALA B 91 17.30 9.93 -3.27
CA ALA B 91 18.46 9.79 -4.18
C ALA B 91 18.74 11.10 -4.91
N GLU B 92 17.72 11.93 -5.13
CA GLU B 92 17.99 13.26 -5.70
C GLU B 92 18.76 14.14 -4.73
N GLU B 93 18.11 14.56 -3.64
CA GLU B 93 18.71 15.42 -2.62
C GLU B 93 20.17 15.00 -2.33
N LYS B 94 20.43 13.70 -2.44
CA LYS B 94 21.77 13.16 -2.30
C LYS B 94 22.68 13.65 -3.40
N GLU B 95 22.25 13.46 -4.64
CA GLU B 95 23.14 13.87 -5.70
C GLU B 95 23.23 15.39 -5.81
N ASP B 96 22.54 16.12 -4.93
CA ASP B 96 22.74 17.57 -4.90
C ASP B 96 23.82 17.89 -3.92
N VAL B 97 23.87 17.15 -2.81
CA VAL B 97 25.02 17.23 -1.94
C VAL B 97 26.13 17.16 -2.97
N LYS B 98 26.03 16.18 -3.86
CA LYS B 98 27.13 15.80 -4.73
C LYS B 98 27.33 16.73 -5.87
N SER B 99 26.44 16.65 -6.83
CA SER B 99 26.62 17.40 -8.04
C SER B 99 26.52 18.85 -7.63
N CYS B 100 25.30 19.27 -7.35
CA CYS B 100 25.02 20.65 -7.03
C CYS B 100 26.22 21.31 -6.35
N ALA B 101 26.14 21.41 -5.03
CA ALA B 101 27.05 22.24 -4.28
C ALA B 101 28.47 21.98 -4.71
N GLU B 102 28.94 20.75 -4.51
CA GLU B 102 30.37 20.45 -4.55
C GLU B 102 30.99 20.90 -5.87
N PHE B 103 30.45 20.42 -6.98
CA PHE B 103 30.94 20.83 -8.27
C PHE B 103 30.80 22.32 -8.52
N LEU B 104 29.61 22.84 -8.29
CA LEU B 104 29.34 24.23 -8.57
C LEU B 104 30.29 25.13 -7.79
N THR B 105 30.53 24.77 -6.53
CA THR B 105 31.41 25.57 -5.70
C THR B 105 32.81 25.63 -6.29
N GLN B 106 33.34 24.49 -6.72
CA GLN B 106 34.68 24.41 -7.30
C GLN B 106 34.73 25.10 -8.67
N SER B 107 33.75 24.83 -9.51
CA SER B 107 33.66 25.54 -10.79
C SER B 107 33.69 27.05 -10.67
N LYS B 108 32.94 27.61 -9.71
CA LYS B 108 32.94 29.05 -9.46
C LYS B 108 34.35 29.51 -9.09
N THR B 109 35.00 28.73 -8.23
CA THR B 109 36.27 29.17 -7.72
C THR B 109 37.26 29.16 -8.88
N ARG B 110 37.16 28.16 -9.74
CA ARG B 110 38.02 28.10 -10.90
C ARG B 110 37.75 29.24 -11.84
N ILE B 111 36.48 29.56 -12.05
CA ILE B 111 36.16 30.68 -12.93
C ILE B 111 36.72 31.97 -12.35
N GLN B 112 36.68 32.12 -11.03
CA GLN B 112 37.31 33.28 -10.39
C GLN B 112 38.78 33.39 -10.75
N GLU B 113 39.56 32.34 -10.52
CA GLU B 113 41.00 32.48 -10.72
C GLU B 113 41.33 32.81 -12.17
N TYR B 114 40.76 32.04 -13.09
CA TYR B 114 40.79 32.35 -14.51
C TYR B 114 40.57 33.84 -14.77
N GLU B 115 39.50 34.38 -14.18
CA GLU B 115 39.22 35.81 -14.25
C GLU B 115 40.33 36.66 -13.63
N LYS B 116 40.78 36.26 -12.45
CA LYS B 116 41.92 36.92 -11.83
C LYS B 116 43.12 36.81 -12.78
N GLU B 117 43.29 35.65 -13.41
CA GLU B 117 44.39 35.46 -14.33
C GLU B 117 44.27 36.32 -15.59
N LEU B 118 43.06 36.70 -15.97
CA LEU B 118 42.90 37.59 -17.11
C LEU B 118 43.12 39.03 -16.67
N GLU B 119 42.87 39.25 -15.38
CA GLU B 119 43.12 40.53 -14.72
C GLU B 119 44.55 40.98 -15.00
N LYS B 120 45.50 40.28 -14.35
CA LYS B 120 46.93 40.50 -14.53
C LYS B 120 47.24 40.83 -15.98
N MET B 121 46.88 39.87 -16.84
CA MET B 121 47.22 39.92 -18.26
C MET B 121 46.76 41.18 -18.96
N ARG B 122 45.76 41.85 -18.41
CA ARG B 122 45.34 43.16 -18.94
C ARG B 122 46.37 44.26 -18.68
N ASN B 123 47.32 43.99 -17.77
CA ASN B 123 48.34 44.97 -17.37
C ASN B 123 49.75 44.47 -17.64
N LEU C 5 -51.92 -31.76 -52.55
CA LEU C 5 -51.33 -30.78 -51.59
C LEU C 5 -52.39 -30.08 -50.74
N ASP C 6 -53.66 -30.31 -51.04
CA ASP C 6 -54.70 -29.93 -50.09
C ASP C 6 -54.79 -30.95 -48.95
N PRO C 7 -54.72 -32.26 -49.28
CA PRO C 7 -54.69 -33.28 -48.21
C PRO C 7 -53.52 -33.09 -47.23
N VAL C 8 -52.38 -32.70 -47.79
CA VAL C 8 -51.12 -32.49 -47.08
C VAL C 8 -51.22 -31.62 -45.81
N GLN C 9 -52.23 -30.74 -45.78
CA GLN C 9 -52.39 -29.74 -44.72
C GLN C 9 -52.70 -30.28 -43.33
N LYS C 10 -53.50 -31.34 -43.29
CA LYS C 10 -53.97 -31.86 -42.01
C LYS C 10 -52.90 -32.52 -41.17
N LEU C 11 -51.64 -32.37 -41.56
CA LEU C 11 -50.50 -32.92 -40.81
C LEU C 11 -49.95 -31.91 -39.82
N PHE C 12 -49.96 -30.62 -40.22
CA PHE C 12 -49.69 -29.51 -39.30
C PHE C 12 -50.40 -29.79 -37.99
N VAL C 13 -51.68 -30.19 -38.10
CA VAL C 13 -52.49 -30.58 -36.95
C VAL C 13 -51.76 -31.60 -36.07
N ASP C 14 -51.31 -32.68 -36.70
CA ASP C 14 -50.75 -33.84 -36.01
C ASP C 14 -49.50 -33.49 -35.23
N LYS C 15 -48.70 -32.60 -35.79
CA LYS C 15 -47.54 -32.09 -35.09
C LYS C 15 -47.96 -31.35 -33.83
N ILE C 16 -48.91 -30.40 -33.96
CA ILE C 16 -49.28 -29.56 -32.82
C ILE C 16 -49.67 -30.42 -31.65
N ARG C 17 -50.54 -31.40 -31.92
CA ARG C 17 -51.10 -32.20 -30.84
C ARG C 17 -49.99 -32.77 -30.00
N GLU C 18 -48.95 -33.26 -30.67
CA GLU C 18 -47.86 -33.90 -29.96
C GLU C 18 -47.00 -32.86 -29.26
N TYR C 19 -46.85 -31.68 -29.86
CA TYR C 19 -46.24 -30.57 -29.16
C TYR C 19 -47.02 -30.38 -27.85
N ARG C 20 -48.35 -30.32 -27.99
CA ARG C 20 -49.27 -30.06 -26.89
C ARG C 20 -49.07 -31.00 -25.69
N THR C 21 -49.02 -32.31 -25.93
CA THR C 21 -48.92 -33.26 -24.80
C THR C 21 -47.61 -33.10 -24.03
N LYS C 22 -46.52 -32.92 -24.78
CA LYS C 22 -45.19 -32.63 -24.23
C LYS C 22 -45.26 -31.41 -23.34
N ARG C 23 -45.67 -30.28 -23.95
CA ARG C 23 -45.70 -29.00 -23.26
C ARG C 23 -46.59 -29.06 -22.01
N GLN C 24 -47.66 -29.84 -22.09
CA GLN C 24 -48.55 -30.06 -20.96
C GLN C 24 -47.92 -30.90 -19.85
N THR C 25 -46.61 -31.08 -19.88
CA THR C 25 -46.01 -31.96 -18.87
C THR C 25 -44.98 -31.33 -17.94
N SER C 26 -45.31 -31.40 -16.66
CA SER C 26 -44.58 -30.71 -15.60
C SER C 26 -44.10 -31.71 -14.58
N GLY C 27 -42.83 -32.08 -14.73
CA GLY C 27 -42.14 -32.99 -13.83
C GLY C 27 -40.74 -33.15 -14.38
N GLY C 28 -40.03 -32.04 -14.48
CA GLY C 28 -38.69 -32.01 -15.09
C GLY C 28 -38.75 -31.93 -16.60
N PRO C 29 -37.77 -32.55 -17.29
CA PRO C 29 -37.79 -32.70 -18.74
C PRO C 29 -38.40 -34.04 -19.12
N VAL C 30 -39.39 -34.03 -20.02
CA VAL C 30 -40.29 -35.18 -20.19
C VAL C 30 -39.61 -36.47 -20.70
N ASP C 31 -39.85 -37.57 -19.98
CA ASP C 31 -39.17 -38.86 -20.18
C ASP C 31 -37.66 -38.77 -19.96
N ALA C 32 -37.29 -38.41 -18.73
CA ALA C 32 -35.92 -38.24 -18.27
C ALA C 32 -34.87 -39.02 -19.05
N GLY C 33 -34.52 -40.19 -18.55
CA GLY C 33 -33.38 -40.92 -19.07
C GLY C 33 -32.16 -40.35 -18.38
N PRO C 34 -31.45 -41.18 -17.59
CA PRO C 34 -30.33 -40.73 -16.75
C PRO C 34 -29.27 -39.89 -17.48
N GLU C 35 -29.18 -40.06 -18.79
CA GLU C 35 -28.22 -39.34 -19.64
C GLU C 35 -28.37 -37.83 -19.55
N TYR C 36 -29.60 -37.36 -19.48
CA TYR C 36 -29.85 -35.94 -19.46
C TYR C 36 -28.97 -35.28 -18.43
N GLN C 37 -29.07 -35.74 -17.18
CA GLN C 37 -28.23 -35.16 -16.16
C GLN C 37 -26.77 -35.27 -16.55
N GLN C 38 -26.33 -36.45 -16.98
CA GLN C 38 -24.93 -36.62 -17.35
C GLN C 38 -24.48 -35.55 -18.33
N ASP C 39 -25.20 -35.42 -19.45
CA ASP C 39 -24.85 -34.44 -20.47
C ASP C 39 -24.85 -33.07 -19.84
N LEU C 40 -25.91 -32.80 -19.08
CA LEU C 40 -26.08 -31.51 -18.43
C LEU C 40 -24.80 -31.20 -17.70
N ASP C 41 -24.52 -32.04 -16.70
CA ASP C 41 -23.33 -31.92 -15.90
C ASP C 41 -22.06 -31.69 -16.76
N ARG C 42 -21.93 -32.44 -17.85
CA ARG C 42 -20.78 -32.28 -18.74
C ARG C 42 -20.73 -30.85 -19.24
N GLU C 43 -21.85 -30.33 -19.74
CA GLU C 43 -21.77 -28.99 -20.29
C GLU C 43 -21.64 -27.96 -19.19
N LEU C 44 -22.22 -28.29 -18.05
CA LEU C 44 -22.12 -27.46 -16.86
C LEU C 44 -20.65 -27.39 -16.45
N PHE C 45 -19.90 -28.42 -16.81
CA PHE C 45 -18.50 -28.45 -16.50
C PHE C 45 -17.68 -27.65 -17.51
N LYS C 46 -18.07 -27.69 -18.79
CA LYS C 46 -17.29 -26.92 -19.77
C LYS C 46 -17.35 -25.43 -19.46
N LEU C 47 -18.52 -24.98 -19.00
CA LEU C 47 -18.74 -23.58 -18.68
C LEU C 47 -17.90 -23.15 -17.48
N LYS C 48 -17.75 -24.06 -16.52
CA LYS C 48 -16.81 -23.82 -15.45
C LYS C 48 -15.42 -23.54 -16.01
N GLN C 49 -15.05 -24.28 -17.05
CA GLN C 49 -13.74 -24.14 -17.68
C GLN C 49 -13.62 -22.77 -18.30
N MET C 50 -14.68 -22.39 -19.01
CA MET C 50 -14.74 -21.10 -19.67
C MET C 50 -14.73 -19.91 -18.73
N TYR C 51 -15.52 -19.98 -17.67
CA TYR C 51 -15.84 -18.82 -16.87
C TYR C 51 -15.11 -18.77 -15.53
N GLY C 52 -14.52 -19.88 -15.11
CA GLY C 52 -13.66 -19.86 -13.91
C GLY C 52 -14.21 -20.68 -12.77
N LYS C 53 -13.34 -20.97 -11.81
CA LYS C 53 -13.63 -21.92 -10.73
C LYS C 53 -14.32 -21.35 -9.48
N ALA C 54 -14.91 -20.16 -9.62
CA ALA C 54 -15.52 -19.49 -8.46
C ALA C 54 -16.98 -19.87 -8.31
N ASP C 55 -17.53 -19.52 -7.15
CA ASP C 55 -18.95 -19.67 -6.91
C ASP C 55 -19.67 -18.53 -7.62
N MET C 56 -20.19 -18.82 -8.80
CA MET C 56 -20.92 -17.80 -9.59
C MET C 56 -22.19 -17.30 -8.91
N ASN C 57 -22.56 -17.89 -7.78
CA ASN C 57 -23.68 -17.36 -7.01
C ASN C 57 -23.28 -16.20 -6.13
N THR C 58 -21.98 -15.95 -6.04
CA THR C 58 -21.43 -15.04 -5.03
C THR C 58 -20.78 -13.82 -5.66
N PHE C 59 -20.79 -12.70 -4.93
CA PHE C 59 -20.04 -11.51 -5.35
C PHE C 59 -18.56 -11.78 -5.13
N PRO C 60 -17.67 -11.22 -5.99
CA PRO C 60 -16.29 -11.62 -5.90
C PRO C 60 -15.48 -10.87 -4.86
N ASN C 61 -14.58 -11.64 -4.25
CA ASN C 61 -13.41 -11.18 -3.53
C ASN C 61 -12.48 -10.42 -4.45
N PHE C 62 -11.67 -9.52 -3.89
CA PHE C 62 -10.54 -8.93 -4.63
C PHE C 62 -9.33 -8.67 -3.75
N THR C 63 -8.20 -9.28 -4.08
CA THR C 63 -6.92 -8.83 -3.52
C THR C 63 -6.13 -8.38 -4.72
N PHE C 64 -5.74 -7.11 -4.72
CA PHE C 64 -5.13 -6.57 -5.90
C PHE C 64 -3.61 -6.73 -5.91
N GLU C 65 -3.06 -6.89 -7.10
CA GLU C 65 -1.64 -6.90 -7.30
C GLU C 65 -1.09 -5.54 -6.95
N ASP C 66 0.04 -5.54 -6.22
CA ASP C 66 0.94 -4.38 -6.15
C ASP C 66 1.31 -3.93 -7.57
N PRO C 67 1.66 -2.65 -7.76
CA PRO C 67 2.21 -2.24 -9.08
C PRO C 67 3.52 -2.96 -9.45
N LYS C 68 3.93 -2.89 -10.72
CA LYS C 68 5.17 -3.52 -11.18
C LYS C 68 5.97 -2.55 -12.05
N PHE C 69 7.29 -2.55 -11.84
CA PHE C 69 8.22 -1.63 -12.50
C PHE C 69 9.30 -2.37 -13.29
N GLU C 70 9.58 -1.92 -14.51
CA GLU C 70 10.62 -2.55 -15.33
C GLU C 70 11.74 -1.59 -15.70
N GLY D 79 -53.20 -68.53 34.60
CA GLY D 79 -53.33 -67.71 33.35
C GLY D 79 -52.63 -66.37 33.53
N GLU D 80 -51.31 -66.38 33.35
CA GLU D 80 -50.48 -65.18 33.41
C GLU D 80 -50.64 -64.42 32.10
N PHE D 81 -51.68 -64.78 31.35
CA PHE D 81 -52.04 -64.13 30.08
C PHE D 81 -51.74 -62.65 30.17
N ALA D 82 -52.09 -62.08 31.32
CA ALA D 82 -51.77 -60.71 31.62
C ALA D 82 -50.26 -60.64 31.81
N ASP D 83 -49.79 -61.25 32.89
CA ASP D 83 -48.44 -61.04 33.39
C ASP D 83 -47.37 -60.81 32.34
N LYS D 84 -47.16 -61.80 31.48
CA LYS D 84 -46.19 -61.63 30.41
C LYS D 84 -46.59 -60.45 29.52
N LEU D 85 -47.82 -60.46 29.01
CA LEU D 85 -48.26 -59.45 28.04
C LEU D 85 -48.26 -58.02 28.59
N ASN D 86 -48.89 -57.76 29.72
CA ASN D 86 -48.81 -56.39 30.22
C ASN D 86 -47.40 -56.01 30.70
N GLU D 87 -46.64 -56.94 31.27
CA GLU D 87 -45.21 -56.67 31.52
C GLU D 87 -44.53 -56.32 30.20
N GLN D 88 -44.89 -57.04 29.15
CA GLN D 88 -44.43 -56.72 27.81
C GLN D 88 -44.93 -55.32 27.47
N LYS D 89 -46.26 -55.16 27.50
CA LYS D 89 -46.89 -53.88 27.13
C LYS D 89 -46.27 -52.66 27.81
N ILE D 90 -45.96 -52.78 29.09
CA ILE D 90 -45.36 -51.67 29.83
C ILE D 90 -43.92 -51.43 29.38
N ALA D 91 -43.10 -52.48 29.45
CA ALA D 91 -41.73 -52.44 28.95
C ALA D 91 -41.65 -51.74 27.59
N GLN D 92 -42.69 -51.93 26.78
CA GLN D 92 -42.89 -51.23 25.51
C GLN D 92 -42.97 -49.72 25.69
N LEU D 93 -44.00 -49.25 26.40
CA LEU D 93 -44.20 -47.82 26.61
C LEU D 93 -43.06 -47.23 27.45
N GLU D 94 -42.28 -48.12 28.06
CA GLU D 94 -41.07 -47.75 28.78
C GLU D 94 -39.97 -47.31 27.79
N GLU D 95 -39.71 -48.13 26.78
CA GLU D 95 -38.72 -47.75 25.75
C GLU D 95 -39.28 -46.65 24.87
N VAL D 96 -40.60 -46.68 24.68
CA VAL D 96 -41.29 -45.60 23.97
C VAL D 96 -41.00 -44.26 24.64
N LYS D 97 -41.37 -44.11 25.93
CA LYS D 97 -41.04 -42.88 26.65
C LYS D 97 -39.55 -42.63 26.67
N GLN D 98 -38.75 -43.69 26.77
CA GLN D 98 -37.30 -43.55 26.67
C GLN D 98 -36.85 -42.93 25.34
N ALA D 99 -37.13 -43.60 24.23
CA ALA D 99 -36.73 -43.12 22.91
C ALA D 99 -37.13 -41.64 22.75
N SER D 100 -38.38 -41.34 23.12
CA SER D 100 -38.92 -40.00 23.03
C SER D 100 -38.09 -38.97 23.79
N ILE D 101 -37.64 -39.32 24.99
CA ILE D 101 -36.70 -38.48 25.73
C ILE D 101 -35.51 -38.22 24.83
N LYS D 102 -34.85 -39.30 24.45
CA LYS D 102 -33.63 -39.26 23.67
C LYS D 102 -33.78 -38.47 22.37
N GLN D 103 -34.94 -38.61 21.72
CA GLN D 103 -35.18 -37.91 20.46
C GLN D 103 -35.28 -36.41 20.63
N ILE D 104 -36.20 -35.94 21.46
CA ILE D 104 -36.32 -34.50 21.63
C ILE D 104 -35.00 -33.93 22.18
N GLN D 105 -34.29 -34.74 22.96
CA GLN D 105 -32.94 -34.40 23.44
C GLN D 105 -32.05 -34.08 22.26
N ASP D 106 -32.19 -34.85 21.18
CA ASP D 106 -31.39 -34.61 20.00
C ASP D 106 -31.98 -33.59 19.05
N ALA D 107 -33.30 -33.40 19.07
CA ALA D 107 -33.86 -32.25 18.39
C ALA D 107 -33.12 -31.06 19.01
N ILE D 108 -33.11 -31.00 20.33
CA ILE D 108 -32.42 -29.95 21.05
C ILE D 108 -30.98 -29.81 20.56
N ASP D 109 -30.17 -30.85 20.77
CA ASP D 109 -28.72 -30.81 20.46
C ASP D 109 -28.42 -30.30 19.07
N MET D 110 -29.25 -30.67 18.13
CA MET D 110 -29.12 -30.23 16.76
C MET D 110 -29.32 -28.71 16.73
N GLU D 111 -30.33 -28.23 17.46
CA GLU D 111 -30.68 -26.82 17.41
C GLU D 111 -29.60 -25.96 18.06
N LYS D 112 -28.98 -26.51 19.10
CA LYS D 112 -27.84 -25.84 19.72
C LYS D 112 -26.68 -25.75 18.74
N SER D 113 -26.38 -26.86 18.07
CA SER D 113 -25.38 -26.84 16.99
C SER D 113 -25.70 -25.69 16.04
N GLN D 114 -26.94 -25.65 15.51
CA GLN D 114 -27.37 -24.58 14.59
C GLN D 114 -27.08 -23.19 15.13
N GLN D 115 -27.90 -22.77 16.09
CA GLN D 115 -27.79 -21.48 16.74
C GLN D 115 -26.34 -21.04 16.96
N ALA D 116 -25.47 -21.97 17.31
CA ALA D 116 -24.08 -21.59 17.48
C ALA D 116 -23.49 -21.32 16.10
N LEU D 117 -23.34 -22.36 15.28
CA LEU D 117 -22.83 -22.16 13.92
C LEU D 117 -23.35 -20.85 13.33
N VAL D 118 -24.58 -20.48 13.66
CA VAL D 118 -25.19 -19.20 13.23
C VAL D 118 -24.29 -18.03 13.67
N GLN D 119 -24.71 -17.22 14.63
CA GLN D 119 -23.84 -16.14 15.10
C GLN D 119 -22.37 -16.62 15.22
N LYS D 120 -22.09 -17.46 16.22
CA LYS D 120 -20.72 -17.79 16.62
C LYS D 120 -19.66 -17.67 15.51
N ARG D 121 -19.85 -18.39 14.40
CA ARG D 121 -18.83 -18.46 13.37
C ARG D 121 -18.22 -17.13 12.93
N HIS D 122 -19.05 -16.12 12.66
CA HIS D 122 -18.51 -14.84 12.15
C HIS D 122 -17.38 -14.28 13.00
N TYR D 123 -17.55 -14.35 14.31
CA TYR D 123 -16.60 -13.78 15.24
C TYR D 123 -15.18 -14.08 14.81
N LEU D 124 -14.89 -15.34 14.52
CA LEU D 124 -13.55 -15.72 14.10
C LEU D 124 -13.10 -14.76 13.02
N PHE D 125 -13.97 -14.55 12.02
CA PHE D 125 -13.65 -13.63 10.94
C PHE D 125 -13.71 -12.16 11.36
N ASP D 126 -14.59 -11.82 12.30
CA ASP D 126 -14.58 -10.48 12.87
C ASP D 126 -13.28 -10.24 13.66
N VAL D 127 -12.90 -11.20 14.49
CA VAL D 127 -11.64 -11.12 15.21
C VAL D 127 -10.55 -10.74 14.24
N GLN D 128 -10.49 -11.44 13.10
CA GLN D 128 -9.40 -11.15 12.18
C GLN D 128 -9.51 -9.78 11.51
N ARG D 129 -10.69 -9.43 11.00
CA ARG D 129 -10.90 -8.09 10.47
C ARG D 129 -10.49 -6.98 11.45
N ASN D 130 -10.86 -7.14 12.71
CA ASN D 130 -10.53 -6.16 13.76
C ASN D 130 -9.01 -6.04 14.01
N ASN D 131 -8.33 -7.18 14.12
CA ASN D 131 -6.90 -7.18 14.09
C ASN D 131 -6.37 -6.28 12.96
N ILE D 132 -6.85 -6.51 11.74
CA ILE D 132 -6.40 -5.71 10.60
C ILE D 132 -6.56 -4.23 10.88
N ALA D 133 -7.78 -3.85 11.22
CA ALA D 133 -8.12 -2.45 11.37
C ALA D 133 -7.14 -1.80 12.33
N MET D 134 -7.00 -2.42 13.51
CA MET D 134 -6.00 -2.04 14.53
C MET D 134 -4.62 -1.87 13.89
N ALA D 135 -4.19 -2.93 13.20
CA ALA D 135 -2.82 -3.02 12.71
C ALA D 135 -2.54 -1.88 11.75
N LEU D 136 -3.55 -1.51 10.96
CA LEU D 136 -3.39 -0.36 10.08
C LEU D 136 -3.26 0.94 10.89
N GLU D 137 -4.13 1.16 11.87
CA GLU D 137 -4.00 2.37 12.71
C GLU D 137 -2.69 2.43 13.46
N VAL D 138 -2.29 1.33 14.07
CA VAL D 138 -0.99 1.29 14.75
C VAL D 138 0.07 1.78 13.77
N THR D 139 0.09 1.14 12.59
CA THR D 139 1.07 1.50 11.60
C THR D 139 1.04 3.00 11.31
N TYR D 140 -0.16 3.52 11.08
CA TYR D 140 -0.32 4.90 10.72
C TYR D 140 0.31 5.80 11.76
N ARG D 141 -0.01 5.54 13.02
CA ARG D 141 0.48 6.35 14.13
C ARG D 141 2.00 6.29 14.19
N GLU D 142 2.54 5.07 14.15
CA GLU D 142 3.97 4.91 14.11
C GLU D 142 4.59 5.66 12.91
N ARG D 143 3.79 5.84 11.85
CA ARG D 143 4.41 6.50 10.71
C ARG D 143 4.67 7.94 11.14
N LEU D 144 3.61 8.53 11.71
CA LEU D 144 3.60 9.94 12.05
C LEU D 144 4.67 10.21 13.13
N HIS D 145 4.85 9.34 14.12
CA HIS D 145 5.76 9.25 15.11
C HIS D 145 7.10 9.18 14.53
N ARG D 146 7.34 8.33 13.49
CA ARG D 146 8.70 8.22 12.83
C ARG D 146 9.17 9.60 12.18
N VAL D 147 8.02 10.60 11.84
CA VAL D 147 8.23 12.01 11.19
C VAL D 147 8.76 12.86 12.28
N TYR D 148 7.94 12.94 13.31
CA TYR D 148 8.23 13.76 14.47
C TYR D 148 9.64 13.42 15.01
N ARG D 149 9.84 12.19 15.50
CA ARG D 149 11.15 11.76 16.02
C ARG D 149 12.22 12.28 15.11
N GLU D 150 12.15 11.86 13.83
CA GLU D 150 13.21 12.21 12.90
C GLU D 150 13.41 13.70 12.64
N VAL D 151 12.33 14.45 12.53
CA VAL D 151 12.51 15.86 12.24
C VAL D 151 13.12 16.53 13.46
N LYS D 152 12.53 16.32 14.65
CA LYS D 152 12.99 16.99 15.87
C LYS D 152 14.41 16.53 16.24
N ASN D 153 14.73 15.29 15.88
CA ASN D 153 16.08 14.74 16.05
C ASN D 153 17.07 15.63 15.35
N ARG D 154 16.74 16.03 14.12
CA ARG D 154 17.58 16.90 13.33
C ARG D 154 17.70 18.27 14.04
N LEU D 155 16.54 18.85 14.37
CA LEU D 155 16.50 20.12 15.11
C LEU D 155 17.36 20.10 16.38
N ASP D 156 17.05 19.16 17.27
CA ASP D 156 17.86 18.96 18.48
C ASP D 156 19.34 18.75 18.20
N TYR D 157 19.65 18.28 17.00
CA TYR D 157 21.03 18.10 16.69
C TYR D 157 21.69 19.47 16.67
N HIS D 158 21.20 20.35 15.80
CA HIS D 158 21.69 21.73 15.77
C HIS D 158 21.92 22.36 17.13
N ILE D 159 20.95 22.27 18.01
CA ILE D 159 21.16 22.82 19.36
C ILE D 159 22.27 22.13 20.14
N SER D 160 22.37 20.82 20.03
CA SER D 160 23.42 20.07 20.72
C SER D 160 24.79 20.57 20.27
N VAL D 161 24.93 20.73 18.96
CA VAL D 161 26.17 21.22 18.36
C VAL D 161 26.46 22.61 18.86
N GLN D 162 25.51 23.52 18.66
CA GLN D 162 25.66 24.89 19.16
C GLN D 162 26.11 24.93 20.61
N ASN D 163 25.41 24.19 21.49
CA ASN D 163 25.80 24.14 22.91
C ASN D 163 27.28 23.77 23.08
N MET D 164 27.68 22.72 22.38
CA MET D 164 29.05 22.19 22.46
C MET D 164 30.07 23.20 21.97
N MET D 165 29.75 23.87 20.88
CA MET D 165 30.57 24.96 20.41
C MET D 165 30.80 25.91 21.60
N ARG D 166 29.72 26.40 22.22
CA ARG D 166 29.84 27.44 23.25
C ARG D 166 30.75 26.93 24.32
N GLN D 167 30.36 25.82 24.92
CA GLN D 167 31.15 25.23 25.97
C GLN D 167 32.65 25.30 25.62
N LYS D 168 33.04 24.75 24.47
CA LYS D 168 34.47 24.65 24.14
C LYS D 168 35.10 26.02 23.98
N GLU D 169 34.35 26.93 23.36
CA GLU D 169 34.79 28.31 23.23
C GLU D 169 34.92 28.92 24.62
N GLN D 170 33.96 28.63 25.49
CA GLN D 170 33.96 29.18 26.83
C GLN D 170 35.13 28.61 27.61
N GLU D 171 35.21 27.28 27.68
CA GLU D 171 36.26 26.61 28.41
C GLU D 171 37.59 27.22 27.98
N HIS D 172 37.72 27.39 26.65
CA HIS D 172 38.94 27.93 26.08
C HIS D 172 39.24 29.33 26.59
N MET D 173 38.21 30.16 26.64
CA MET D 173 38.36 31.53 27.07
C MET D 173 38.96 31.59 28.47
N ILE D 174 38.43 30.76 29.38
CA ILE D 174 38.95 30.72 30.76
C ILE D 174 40.42 30.46 30.76
N ASN D 175 40.83 29.33 30.18
CA ASN D 175 42.25 29.04 30.15
C ASN D 175 43.06 30.16 29.54
N TRP D 176 42.51 30.89 28.57
CA TRP D 176 43.25 32.00 28.04
C TRP D 176 43.33 33.12 29.06
N VAL D 177 42.26 33.34 29.80
CA VAL D 177 42.32 34.28 30.90
C VAL D 177 43.24 33.74 32.01
N GLU D 178 42.92 32.52 32.48
CA GLU D 178 43.64 31.90 33.58
C GLU D 178 45.14 32.12 33.43
N LYS D 179 45.68 31.67 32.30
CA LYS D 179 47.10 31.74 32.03
C LYS D 179 47.66 33.16 31.85
N ARG D 180 46.80 34.16 31.68
CA ARG D 180 47.28 35.53 31.42
C ARG D 180 47.24 36.44 32.64
N VAL D 181 46.47 36.08 33.66
CA VAL D 181 46.51 36.86 34.90
C VAL D 181 47.64 36.30 35.78
N VAL D 182 47.90 34.99 35.64
CA VAL D 182 49.00 34.29 36.28
C VAL D 182 50.36 34.72 35.71
N GLN D 183 50.30 35.51 34.65
CA GLN D 183 51.46 35.82 33.82
C GLN D 183 52.12 37.13 34.20
N ARG E 3 -12.49 7.17 7.37
CA ARG E 3 -11.24 7.59 8.04
C ARG E 3 -11.18 7.07 9.49
N LYS E 4 -12.21 7.37 10.27
CA LYS E 4 -12.29 6.95 11.68
C LYS E 4 -12.45 5.43 11.86
N LEU E 5 -11.59 4.88 12.70
CA LEU E 5 -11.57 3.46 13.04
C LEU E 5 -12.74 3.05 13.93
N ALA E 6 -13.69 2.31 13.34
CA ALA E 6 -14.76 1.66 14.09
C ALA E 6 -14.43 0.18 14.06
N LEU E 7 -15.01 -0.59 14.98
CA LEU E 7 -14.65 -2.00 15.06
C LEU E 7 -15.86 -2.92 15.09
N LYS E 8 -15.69 -4.12 15.68
CA LYS E 8 -16.82 -5.01 15.88
C LYS E 8 -16.69 -5.82 17.17
N THR E 9 -17.71 -5.75 18.00
CA THR E 9 -17.71 -6.38 19.31
C THR E 9 -17.62 -7.89 19.19
N ILE E 10 -16.97 -8.53 20.18
CA ILE E 10 -16.67 -9.96 20.12
C ILE E 10 -17.09 -10.73 21.38
N ASP E 11 -18.11 -11.61 21.25
CA ASP E 11 -18.37 -12.62 22.30
C ASP E 11 -17.19 -13.54 22.29
N TRP E 12 -16.28 -13.32 23.22
CA TRP E 12 -15.05 -14.10 23.27
C TRP E 12 -15.35 -15.48 23.78
N VAL E 13 -16.34 -15.58 24.67
CA VAL E 13 -16.84 -16.89 25.06
C VAL E 13 -17.36 -17.59 23.81
N ALA E 14 -18.03 -16.85 22.94
CA ALA E 14 -18.50 -17.42 21.68
C ALA E 14 -17.31 -17.88 20.82
N PHE E 15 -16.30 -17.01 20.73
CA PHE E 15 -15.05 -17.29 20.03
C PHE E 15 -14.42 -18.63 20.44
N GLY E 16 -13.92 -18.73 21.66
CA GLY E 16 -13.26 -19.95 22.14
C GLY E 16 -14.05 -21.24 21.99
N GLU E 17 -15.38 -21.13 22.04
CA GLU E 17 -16.25 -22.29 22.10
C GLU E 17 -16.36 -23.02 20.77
N ILE E 18 -15.77 -22.45 19.72
CA ILE E 18 -16.13 -22.87 18.37
C ILE E 18 -14.96 -23.04 17.41
N ILE E 19 -13.75 -22.99 17.96
CA ILE E 19 -12.56 -23.38 17.25
C ILE E 19 -12.39 -24.89 17.43
N PRO E 20 -12.17 -25.63 16.32
CA PRO E 20 -11.74 -27.02 16.38
C PRO E 20 -10.42 -27.18 17.14
N ARG E 21 -10.27 -28.31 17.84
CA ARG E 21 -9.08 -28.59 18.66
C ARG E 21 -7.80 -28.37 17.89
N ASN E 22 -7.83 -28.80 16.62
CA ASN E 22 -6.66 -28.79 15.74
C ASN E 22 -6.34 -27.39 15.23
N GLN E 23 -7.11 -26.41 15.70
CA GLN E 23 -6.98 -25.02 15.29
C GLN E 23 -6.86 -24.10 16.50
N LYS E 24 -7.02 -24.68 17.69
CA LYS E 24 -6.96 -23.97 18.96
C LYS E 24 -5.75 -23.03 18.99
N ALA E 25 -4.61 -23.55 18.57
CA ALA E 25 -3.39 -22.76 18.52
C ALA E 25 -3.67 -21.44 17.84
N VAL E 26 -4.06 -21.54 16.57
CA VAL E 26 -4.30 -20.37 15.73
C VAL E 26 -5.14 -19.36 16.49
N ALA E 27 -6.25 -19.83 17.05
CA ALA E 27 -7.18 -18.98 17.77
C ALA E 27 -6.48 -18.27 18.89
N ASN E 28 -5.78 -19.03 19.73
CA ASN E 28 -4.97 -18.42 20.80
C ASN E 28 -4.14 -17.27 20.24
N SER E 29 -3.38 -17.56 19.19
CA SER E 29 -2.51 -16.56 18.59
C SER E 29 -3.31 -15.32 18.14
N LEU E 30 -4.52 -15.58 17.65
CA LEU E 30 -5.40 -14.52 17.22
C LEU E 30 -5.86 -13.68 18.44
N LYS E 31 -6.30 -14.37 19.50
CA LYS E 31 -6.71 -13.72 20.74
C LYS E 31 -5.71 -12.65 21.23
N SER E 32 -4.47 -13.06 21.50
CA SER E 32 -3.54 -12.13 22.13
C SER E 32 -3.09 -11.05 21.16
N TRP E 33 -2.96 -11.39 19.88
CA TRP E 33 -2.61 -10.36 18.90
C TRP E 33 -3.59 -9.20 19.09
N ASN E 34 -4.89 -9.49 19.06
CA ASN E 34 -5.89 -8.47 19.37
C ASN E 34 -5.60 -7.78 20.72
N GLU E 35 -5.42 -8.55 21.77
CA GLU E 35 -5.10 -7.95 23.05
C GLU E 35 -3.88 -7.06 22.92
N THR E 36 -2.76 -7.64 22.49
CA THR E 36 -1.57 -6.87 22.22
C THR E 36 -1.95 -5.61 21.48
N LEU E 37 -2.52 -5.82 20.29
CA LEU E 37 -2.99 -4.75 19.42
C LEU E 37 -3.87 -3.73 20.17
N THR E 38 -4.80 -4.24 20.98
CA THR E 38 -5.65 -3.41 21.81
C THR E 38 -4.85 -2.51 22.75
N SER E 39 -4.07 -3.12 23.64
CA SER E 39 -3.25 -2.38 24.60
C SER E 39 -2.37 -1.40 23.85
N ARG E 40 -1.90 -1.84 22.68
CA ARG E 40 -0.99 -1.04 21.94
C ARG E 40 -1.64 0.30 21.56
N LEU E 41 -2.84 0.21 21.00
CA LEU E 41 -3.57 1.39 20.54
C LEU E 41 -3.91 2.33 21.69
N ALA E 42 -4.20 1.74 22.85
CA ALA E 42 -4.46 2.47 24.07
C ALA E 42 -3.30 3.41 24.38
N THR E 43 -2.08 2.91 24.12
CA THR E 43 -0.84 3.66 24.34
C THR E 43 -0.60 4.75 23.28
N LEU E 44 -0.32 4.34 22.05
CA LEU E 44 0.11 5.25 20.98
C LEU E 44 -0.92 6.29 20.57
N PRO E 45 -0.72 7.55 20.97
CA PRO E 45 -1.56 8.70 20.59
C PRO E 45 -1.85 8.91 19.08
N GLU E 46 -3.07 9.34 18.79
CA GLU E 46 -3.53 9.73 17.45
C GLU E 46 -2.44 10.38 16.64
N LYS E 47 -2.05 11.57 17.10
CA LYS E 47 -1.01 12.38 16.49
C LYS E 47 0.20 12.45 17.44
N PRO E 48 1.30 13.02 16.96
CA PRO E 48 2.44 13.16 17.84
C PRO E 48 2.28 14.49 18.56
N PRO E 49 3.17 14.79 19.53
CA PRO E 49 3.22 16.15 20.05
C PRO E 49 3.69 17.11 18.96
N ALA E 50 3.42 18.40 19.14
CA ALA E 50 3.84 19.43 18.14
C ALA E 50 5.27 19.98 18.31
N ILE E 51 6.07 19.85 17.27
CA ILE E 51 7.40 20.44 17.27
C ILE E 51 7.32 21.94 17.53
N ASP E 52 7.88 22.37 18.66
CA ASP E 52 7.68 23.75 19.04
C ASP E 52 8.64 24.58 18.21
N TRP E 53 8.15 25.02 17.06
CA TRP E 53 9.00 25.73 16.10
C TRP E 53 9.50 27.06 16.69
N ALA E 54 8.61 27.80 17.34
CA ALA E 54 9.03 29.09 17.92
C ALA E 54 10.41 28.91 18.56
N TYR E 55 10.45 28.04 19.57
CA TYR E 55 11.65 27.77 20.30
C TYR E 55 12.80 27.42 19.38
N TYR E 56 12.58 26.49 18.45
CA TYR E 56 13.65 26.08 17.52
C TYR E 56 14.09 27.26 16.67
N LYS E 57 13.13 28.00 16.14
CA LYS E 57 13.42 29.15 15.31
C LYS E 57 14.30 30.12 16.07
N ALA E 58 13.87 30.44 17.29
CA ALA E 58 14.59 31.34 18.19
C ALA E 58 16.05 30.97 18.44
N ASN E 59 16.36 29.66 18.56
CA ASN E 59 17.73 29.31 18.91
C ASN E 59 18.49 28.44 17.95
N VAL E 60 17.86 28.00 16.87
CA VAL E 60 18.67 27.30 15.89
C VAL E 60 19.39 28.38 15.14
N ALA E 61 20.71 28.29 15.14
CA ALA E 61 21.50 29.39 14.63
C ALA E 61 21.55 29.46 13.10
N LYS E 62 21.52 28.31 12.41
CA LYS E 62 21.64 28.31 10.94
C LYS E 62 20.40 28.86 10.25
N ALA E 63 20.64 29.70 9.25
CA ALA E 63 19.59 30.53 8.65
C ALA E 63 18.46 29.74 7.98
N GLY E 64 17.23 30.24 8.11
CA GLY E 64 16.06 29.75 7.36
C GLY E 64 15.68 28.29 7.52
N LEU E 65 16.56 27.48 8.12
CA LEU E 65 16.38 26.04 8.26
C LEU E 65 15.02 25.68 8.88
N VAL E 66 14.89 25.99 10.15
CA VAL E 66 13.62 25.79 10.81
C VAL E 66 12.47 26.25 9.91
N ASP E 67 12.57 27.42 9.27
CA ASP E 67 11.47 27.86 8.38
C ASP E 67 11.20 26.85 7.27
N ASP E 68 12.28 26.36 6.66
CA ASP E 68 12.22 25.30 5.68
C ASP E 68 11.47 24.11 6.29
N PHE E 69 12.07 23.49 7.33
CA PHE E 69 11.48 22.36 8.06
C PHE E 69 9.99 22.51 8.43
N GLU E 70 9.60 23.67 8.94
CA GLU E 70 8.21 23.89 9.32
C GLU E 70 7.33 23.64 8.13
N LYS E 71 7.62 24.38 7.06
CA LYS E 71 6.85 24.26 5.84
C LYS E 71 6.81 22.80 5.41
N LYS E 72 7.99 22.19 5.26
CA LYS E 72 8.06 20.84 4.69
C LYS E 72 7.25 19.85 5.49
N PHE E 73 7.37 19.99 6.81
CA PHE E 73 6.62 19.15 7.73
C PHE E 73 5.13 19.36 7.47
N ASN E 74 4.68 20.60 7.57
CA ASN E 74 3.27 20.90 7.33
C ASN E 74 2.74 20.48 5.96
N ALA E 75 3.60 20.52 4.96
CA ALA E 75 3.21 20.08 3.64
C ALA E 75 3.23 18.54 3.48
N LEU E 76 3.90 17.83 4.37
CA LEU E 76 4.13 16.41 4.12
C LEU E 76 2.91 15.51 4.30
N LYS E 77 2.57 14.79 3.22
CA LYS E 77 1.45 13.86 3.22
C LYS E 77 1.91 12.43 3.53
N VAL E 78 1.68 11.97 4.74
CA VAL E 78 2.05 10.61 5.15
C VAL E 78 1.04 9.61 4.62
N PRO E 79 1.49 8.58 3.86
CA PRO E 79 0.53 7.66 3.24
C PRO E 79 -0.14 6.77 4.27
N ILE E 80 -1.43 6.47 4.05
CA ILE E 80 -2.18 5.47 4.80
C ILE E 80 -1.98 4.07 4.18
N PRO E 81 -1.57 3.09 5.01
CA PRO E 81 -1.24 1.74 4.56
C PRO E 81 -2.42 1.09 3.86
N GLU E 82 -2.24 0.54 2.63
CA GLU E 82 -3.42 -0.05 1.92
C GLU E 82 -3.90 -1.25 2.71
N ASP E 83 -5.22 -1.38 2.86
CA ASP E 83 -5.82 -2.61 3.40
C ASP E 83 -5.78 -3.70 2.34
N LYS E 84 -4.59 -4.18 1.98
CA LYS E 84 -4.55 -5.32 1.06
C LYS E 84 -4.64 -6.65 1.81
N TYR E 85 -5.35 -6.67 2.96
CA TYR E 85 -5.32 -7.87 3.77
C TYR E 85 -6.68 -8.51 4.05
N THR E 86 -7.78 -7.90 3.59
CA THR E 86 -9.06 -8.64 3.52
C THR E 86 -9.29 -9.70 2.32
N ALA E 87 -8.49 -10.77 2.40
CA ALA E 87 -8.81 -12.07 1.80
C ALA E 87 -9.67 -12.80 2.84
N GLN E 88 -9.65 -12.30 4.07
CA GLN E 88 -10.54 -12.75 5.11
C GLN E 88 -11.97 -12.84 4.66
N VAL E 89 -12.54 -11.67 4.33
CA VAL E 89 -13.90 -11.56 3.83
C VAL E 89 -14.27 -12.79 3.00
N ASP E 90 -13.28 -13.34 2.33
CA ASP E 90 -13.51 -14.40 1.37
C ASP E 90 -13.30 -15.76 2.00
N ALA E 91 -12.17 -15.93 2.71
CA ALA E 91 -11.97 -17.06 3.61
C ALA E 91 -13.17 -17.23 4.56
N GLU E 92 -13.93 -16.14 4.74
CA GLU E 92 -15.26 -16.22 5.34
C GLU E 92 -16.30 -16.84 4.39
N GLU E 93 -16.70 -16.12 3.35
CA GLU E 93 -17.74 -16.58 2.43
C GLU E 93 -17.65 -18.08 2.13
N LYS E 94 -16.43 -18.59 2.08
CA LYS E 94 -16.24 -19.98 1.72
C LYS E 94 -16.72 -20.88 2.83
N GLU E 95 -16.31 -20.57 4.06
CA GLU E 95 -16.77 -21.33 5.20
C GLU E 95 -18.27 -21.34 5.31
N ASP E 96 -18.96 -20.40 4.70
CA ASP E 96 -20.40 -20.37 4.78
C ASP E 96 -20.99 -21.38 3.82
N VAL E 97 -20.50 -21.40 2.58
CA VAL E 97 -20.87 -22.48 1.65
C VAL E 97 -20.77 -23.75 2.47
N LYS E 98 -19.67 -23.87 3.22
CA LYS E 98 -19.39 -25.05 4.02
C LYS E 98 -20.25 -25.12 5.26
N SER E 99 -20.15 -24.11 6.11
CA SER E 99 -20.90 -24.06 7.36
C SER E 99 -22.37 -24.31 7.08
N CYS E 100 -23.04 -23.37 6.42
CA CYS E 100 -24.51 -23.41 6.28
C CYS E 100 -25.03 -24.60 5.49
N ALA E 101 -25.38 -24.38 4.22
CA ALA E 101 -26.03 -25.41 3.43
C ALA E 101 -25.76 -26.78 4.04
N GLU E 102 -24.52 -27.25 3.91
CA GLU E 102 -24.10 -28.57 4.41
C GLU E 102 -24.62 -28.91 5.81
N PHE E 103 -24.73 -27.91 6.69
CA PHE E 103 -25.24 -28.11 8.05
C PHE E 103 -26.61 -27.48 8.27
N LEU E 104 -26.79 -26.25 7.81
CA LEU E 104 -28.11 -25.60 7.78
C LEU E 104 -29.17 -26.61 7.41
N THR E 105 -29.05 -27.11 6.19
CA THR E 105 -29.98 -28.08 5.66
C THR E 105 -29.86 -29.35 6.44
N GLN E 106 -28.74 -30.05 6.25
CA GLN E 106 -28.52 -31.37 6.81
C GLN E 106 -29.04 -31.50 8.24
N SER E 107 -28.78 -30.50 9.07
CA SER E 107 -29.31 -30.50 10.41
C SER E 107 -30.83 -30.37 10.40
N LYS E 108 -31.36 -29.39 9.68
CA LYS E 108 -32.82 -29.25 9.62
C LYS E 108 -33.50 -30.54 9.17
N THR E 109 -32.95 -31.18 8.15
CA THR E 109 -33.62 -32.36 7.63
C THR E 109 -33.60 -33.44 8.73
N ARG E 110 -32.46 -33.64 9.37
CA ARG E 110 -32.41 -34.53 10.53
C ARG E 110 -33.49 -34.19 11.56
N ILE E 111 -33.62 -32.91 11.90
CA ILE E 111 -34.62 -32.52 12.88
C ILE E 111 -36.02 -32.88 12.39
N GLN E 112 -36.26 -32.75 11.09
CA GLN E 112 -37.55 -33.08 10.53
C GLN E 112 -37.86 -34.55 10.77
N GLU E 113 -36.96 -35.44 10.33
CA GLU E 113 -37.21 -36.87 10.48
C GLU E 113 -37.42 -37.26 11.95
N TYR E 114 -36.52 -36.82 12.83
CA TYR E 114 -36.70 -36.94 14.29
C TYR E 114 -38.11 -36.62 14.71
N GLU E 115 -38.59 -35.46 14.26
CA GLU E 115 -39.94 -35.00 14.51
C GLU E 115 -40.94 -35.99 13.94
N LYS E 116 -40.79 -36.34 12.66
CA LYS E 116 -41.68 -37.32 12.07
C LYS E 116 -41.66 -38.59 12.92
N GLU E 117 -40.51 -38.88 13.50
CA GLU E 117 -40.36 -40.05 14.37
C GLU E 117 -41.11 -39.88 15.68
N LEU E 118 -41.24 -38.66 16.17
CA LEU E 118 -42.07 -38.42 17.35
C LEU E 118 -43.55 -38.49 16.97
N GLU E 119 -43.84 -38.01 15.76
CA GLU E 119 -45.17 -38.01 15.20
C GLU E 119 -45.81 -39.38 15.29
N LYS E 120 -45.16 -40.39 14.72
CA LYS E 120 -45.77 -41.72 14.72
C LYS E 120 -45.85 -42.37 16.11
N MET E 121 -44.84 -42.15 16.95
CA MET E 121 -44.87 -42.65 18.32
C MET E 121 -45.93 -41.98 19.22
N ARG E 122 -46.54 -40.89 18.74
CA ARG E 122 -47.72 -40.32 19.37
C ARG E 122 -48.94 -41.24 19.17
N ASN E 123 -48.79 -42.22 18.30
CA ASN E 123 -49.90 -43.09 17.89
C ASN E 123 -49.64 -44.57 18.17
N LEU F 5 40.64 42.12 53.59
CA LEU F 5 39.96 41.87 52.27
C LEU F 5 39.59 43.21 51.63
N ASP F 6 40.43 44.21 51.87
CA ASP F 6 40.24 45.54 51.31
C ASP F 6 41.35 46.01 50.34
N PRO F 7 42.63 45.68 50.63
CA PRO F 7 43.61 45.86 49.55
C PRO F 7 43.43 44.74 48.50
N VAL F 8 42.19 44.24 48.43
CA VAL F 8 41.79 43.12 47.60
C VAL F 8 40.91 43.58 46.42
N GLN F 9 40.32 44.78 46.55
CA GLN F 9 39.41 45.29 45.53
C GLN F 9 40.11 45.59 44.20
N LYS F 10 41.44 45.63 44.26
CA LYS F 10 42.29 45.75 43.08
C LYS F 10 42.17 44.49 42.20
N LEU F 11 41.79 43.38 42.81
CA LEU F 11 41.82 42.05 42.18
C LEU F 11 40.78 41.79 41.10
N PHE F 12 39.53 42.15 41.41
CA PHE F 12 38.47 42.01 40.44
C PHE F 12 38.95 42.77 39.21
N VAL F 13 39.42 44.01 39.44
CA VAL F 13 39.80 44.90 38.35
C VAL F 13 40.62 44.16 37.30
N ASP F 14 41.70 43.54 37.77
CA ASP F 14 42.67 42.85 36.92
C ASP F 14 42.03 41.78 36.06
N LYS F 15 41.14 41.01 36.68
CA LYS F 15 40.40 39.96 36.00
C LYS F 15 39.53 40.54 34.89
N ILE F 16 38.71 41.53 35.23
CA ILE F 16 37.75 42.08 34.27
C ILE F 16 38.47 42.56 33.01
N ARG F 17 39.65 43.15 33.22
CA ARG F 17 40.45 43.65 32.12
C ARG F 17 40.85 42.51 31.18
N GLU F 18 41.30 41.40 31.75
CA GLU F 18 41.74 40.27 30.94
C GLU F 18 40.63 39.62 30.14
N TYR F 19 39.42 39.62 30.71
CA TYR F 19 38.27 39.07 30.00
C TYR F 19 38.03 39.92 28.80
N ARG F 20 38.13 41.23 29.00
CA ARG F 20 37.84 42.16 27.96
C ARG F 20 38.82 42.01 26.81
N THR F 21 40.11 41.86 27.13
CA THR F 21 41.17 41.66 26.14
C THR F 21 40.78 40.50 25.24
N LYS F 22 40.51 39.37 25.88
CA LYS F 22 40.00 38.20 25.19
C LYS F 22 38.77 38.58 24.39
N ARG F 23 37.76 39.06 25.10
CA ARG F 23 36.43 39.26 24.53
C ARG F 23 36.53 40.14 23.30
N GLN F 24 37.42 41.12 23.38
CA GLN F 24 37.64 42.07 22.29
C GLN F 24 38.50 41.51 21.16
N THR F 25 38.42 40.20 20.93
CA THR F 25 39.15 39.63 19.81
C THR F 25 38.28 38.76 18.89
N SER F 26 38.41 39.03 17.59
CA SER F 26 37.56 38.44 16.57
C SER F 26 38.42 37.95 15.43
N GLY F 27 38.61 36.64 15.39
CA GLY F 27 39.39 35.97 14.37
C GLY F 27 39.39 34.50 14.77
N GLY F 28 38.18 33.95 14.90
CA GLY F 28 37.99 32.61 15.46
C GLY F 28 38.09 32.57 16.98
N PRO F 29 38.54 31.43 17.53
CA PRO F 29 38.86 31.30 18.95
C PRO F 29 40.29 31.75 19.22
N VAL F 30 40.45 32.58 20.26
CA VAL F 30 41.69 33.35 20.47
C VAL F 30 42.91 32.51 20.89
N ASP F 31 43.97 32.61 20.08
CA ASP F 31 45.16 31.76 20.14
C ASP F 31 44.95 30.30 19.75
N ALA F 32 44.15 30.11 18.69
CA ALA F 32 43.89 28.84 18.01
C ALA F 32 44.57 27.61 18.64
N GLY F 33 45.70 27.18 18.07
CA GLY F 33 46.34 25.94 18.49
C GLY F 33 45.62 24.78 17.83
N PRO F 34 46.23 24.20 16.78
CA PRO F 34 45.68 23.13 15.92
C PRO F 34 44.68 22.17 16.59
N GLU F 35 44.90 21.85 17.87
CA GLU F 35 44.09 20.89 18.62
C GLU F 35 42.62 21.26 18.69
N TYR F 36 42.35 22.56 18.80
CA TYR F 36 40.99 22.99 18.89
C TYR F 36 40.14 22.34 17.80
N GLN F 37 40.62 22.40 16.56
CA GLN F 37 39.88 21.77 15.49
C GLN F 37 39.76 20.27 15.70
N GLN F 38 40.83 19.59 16.11
CA GLN F 38 40.71 18.13 16.30
C GLN F 38 39.72 17.73 17.39
N ASP F 39 39.71 18.42 18.53
CA ASP F 39 38.75 18.09 19.58
C ASP F 39 37.37 18.34 19.03
N LEU F 40 37.16 19.56 18.55
CA LEU F 40 35.96 19.91 17.85
C LEU F 40 35.52 18.71 17.00
N ASP F 41 36.32 18.37 15.99
CA ASP F 41 35.98 17.28 15.09
C ASP F 41 35.67 15.98 15.82
N ARG F 42 36.41 15.69 16.89
CA ARG F 42 36.10 14.50 17.66
C ARG F 42 34.71 14.62 18.28
N GLU F 43 34.39 15.78 18.84
CA GLU F 43 33.11 15.93 19.50
C GLU F 43 32.00 15.90 18.46
N LEU F 44 32.27 16.53 17.33
CA LEU F 44 31.35 16.60 16.20
C LEU F 44 31.04 15.19 15.75
N PHE F 45 32.06 14.33 15.78
CA PHE F 45 31.92 12.92 15.42
C PHE F 45 31.02 12.16 16.38
N LYS F 46 31.27 12.28 17.69
CA LYS F 46 30.46 11.55 18.66
C LYS F 46 28.97 11.92 18.55
N LEU F 47 28.70 13.20 18.27
CA LEU F 47 27.33 13.65 18.06
C LEU F 47 26.72 12.96 16.85
N LYS F 48 27.47 12.85 15.76
CA LYS F 48 26.97 12.11 14.61
C LYS F 48 26.47 10.77 15.11
N GLN F 49 27.28 10.15 15.95
CA GLN F 49 27.00 8.82 16.49
C GLN F 49 25.66 8.80 17.21
N MET F 50 25.42 9.82 18.02
CA MET F 50 24.18 9.94 18.77
C MET F 50 22.95 10.20 17.92
N TYR F 51 23.15 10.88 16.81
CA TYR F 51 22.05 11.52 16.10
C TYR F 51 21.89 10.98 14.69
N GLY F 52 22.74 10.04 14.30
CA GLY F 52 22.57 9.37 13.01
C GLY F 52 23.43 9.95 11.92
N LYS F 53 23.54 9.21 10.82
CA LYS F 53 24.47 9.52 9.73
C LYS F 53 23.83 10.32 8.59
N ALA F 54 22.68 10.89 8.86
CA ALA F 54 21.99 11.70 7.90
C ALA F 54 22.62 13.09 7.82
N ASP F 55 22.27 13.83 6.77
CA ASP F 55 22.67 15.21 6.58
C ASP F 55 21.76 16.13 7.39
N MET F 56 22.20 16.51 8.59
CA MET F 56 21.32 17.25 9.50
C MET F 56 20.92 18.57 8.91
N ASN F 57 21.45 18.93 7.74
CA ASN F 57 21.05 20.19 7.14
C ASN F 57 19.88 20.08 6.19
N THR F 58 19.41 18.86 5.98
CA THR F 58 18.26 18.64 5.12
C THR F 58 17.12 17.93 5.85
N PHE F 59 15.93 18.18 5.35
CA PHE F 59 14.74 17.56 5.83
C PHE F 59 14.73 16.10 5.37
N PRO F 60 14.28 15.18 6.26
CA PRO F 60 14.32 13.73 6.01
C PRO F 60 13.38 13.32 4.90
N ASN F 61 13.72 12.24 4.22
CA ASN F 61 12.75 11.50 3.39
C ASN F 61 12.37 10.18 4.02
N PHE F 62 11.11 9.81 3.87
CA PHE F 62 10.66 8.55 4.43
C PHE F 62 10.22 7.49 3.45
N THR F 63 10.70 6.27 3.67
CA THR F 63 10.04 5.10 3.10
C THR F 63 9.50 4.29 4.26
N PHE F 64 8.23 3.92 4.22
CA PHE F 64 7.62 3.36 5.42
C PHE F 64 7.45 1.85 5.34
N GLU F 65 7.88 1.13 6.38
CA GLU F 65 7.76 -0.33 6.34
C GLU F 65 6.28 -0.66 6.30
N ASP F 66 5.90 -1.65 5.50
CA ASP F 66 4.49 -2.08 5.47
C ASP F 66 4.14 -2.67 6.85
N PRO F 67 2.85 -2.75 7.20
CA PRO F 67 2.45 -3.34 8.51
C PRO F 67 2.95 -4.77 8.70
N LYS F 68 2.94 -5.25 9.96
CA LYS F 68 3.49 -6.56 10.35
C LYS F 68 2.41 -7.38 11.02
N PHE F 69 2.46 -8.71 10.88
CA PHE F 69 1.36 -9.55 11.37
C PHE F 69 1.66 -10.69 12.35
N GLU F 70 2.34 -11.74 11.89
CA GLU F 70 2.53 -13.01 12.65
C GLU F 70 1.22 -13.77 12.85
#